data_3W7R
#
_entry.id   3W7R
#
_cell.length_a   90.449
_cell.length_b   90.449
_cell.length_c   123.063
_cell.angle_alpha   90.00
_cell.angle_beta   90.00
_cell.angle_gamma   120.00
#
_symmetry.space_group_name_H-M   'P 32 2 1'
#
loop_
_entity.id
_entity.type
_entity.pdbx_description
1 polymer 'Dihydroorotate dehydrogenase (quinone), mitochondrial'
2 non-polymer 'CHLORIDE ION'
3 non-polymer DECYLAMINE-N,N-DIMETHYL-N-OXIDE
4 non-polymer '2,6-dioxo-5-[2-(4-phenylphenyl)ethyl]-1,2,3,6- tetrahydropyrimidine-4-carboxylic acid'
5 non-polymer 'FLAVIN MONONUCLEOTIDE'
6 non-polymer GLYCEROL
7 non-polymer 'OROTIC ACID'
8 non-polymer 'SULFATE ION'
9 non-polymer 'ACETATE ION'
10 water water
#
_entity_poly.entity_id   1
_entity_poly.type   'polypeptide(L)'
_entity_poly.pdbx_seq_one_letter_code
;MGHHHHHHHHHHSSGHIDDDDKHMATGDERFYAEHLMPTLQGLLDPESAHRLAVRFTSLGLLPRARFQDSDMLEVRVLGH
KFRNPVGIAAGFDKHGEAVDGLYKMGFGFVEIGSVTPKPQEGNPRPRVFRLPEDQAVINRYGFNSHGLSVVEHRLRARQQ
KQAKLTEDGLPLGVNLGKNKTSVDAAEDYAEGVRVLGPLADYLVVNVSSPNTAGLRSLQGKAELRRLLTKVLQERDGLRR
VHRPAVLVKIAPDLTSQDKEDIASVVKELGIDGLIVTNTTVSRPAGLQGALRSETGGLSGKPLRDLSTQTIREMYALTQG
RVPIIGVGGVSSGQDALEKIRAGASLVQLYTALTFWGPPVVGKVKRELEALLKEQGFGGVTDAIGADHRR
;
_entity_poly.pdbx_strand_id   A
#
loop_
_chem_comp.id
_chem_comp.type
_chem_comp.name
_chem_comp.formula
ACT non-polymer 'ACETATE ION' 'C2 H3 O2 -1'
CL non-polymer 'CHLORIDE ION' 'Cl -1'
DDQ non-polymer DECYLAMINE-N,N-DIMETHYL-N-OXIDE 'C12 H27 N O'
FMN non-polymer 'FLAVIN MONONUCLEOTIDE' 'C17 H21 N4 O9 P'
GOL non-polymer GLYCEROL 'C3 H8 O3'
ORO non-polymer 'OROTIC ACID' 'C5 H4 N2 O4'
SO4 non-polymer 'SULFATE ION' 'O4 S -2'
W7A non-polymer '2,6-dioxo-5-[2-(4-phenylphenyl)ethyl]-1,2,3,6- tetrahydropyrimidine-4-carboxylic acid' 'C19 H16 N2 O4'
#
# COMPACT_ATOMS: atom_id res chain seq x y z
N MET A 24 -20.21 -17.45 5.46
CA MET A 24 -19.48 -18.40 4.62
C MET A 24 -18.12 -18.67 5.25
N ALA A 25 -17.15 -19.17 4.47
CA ALA A 25 -15.79 -19.51 4.89
C ALA A 25 -15.11 -20.57 3.97
N THR A 26 -14.12 -20.62 3.06
N THR A 26 -14.18 -20.54 2.92
CA THR A 26 -14.16 -21.33 1.85
CA THR A 26 -14.25 -21.34 1.74
C THR A 26 -13.13 -22.47 1.74
C THR A 26 -13.17 -22.42 1.69
N GLY A 27 -13.55 -23.43 0.98
CA GLY A 27 -12.61 -24.37 0.43
C GLY A 27 -11.29 -23.94 -0.16
N ASP A 28 -11.32 -22.92 -1.00
CA ASP A 28 -10.12 -22.42 -1.58
C ASP A 28 -9.28 -21.79 -0.45
N GLU A 29 -9.93 -21.09 0.47
CA GLU A 29 -9.19 -20.42 1.51
C GLU A 29 -8.37 -21.46 2.26
N ARG A 30 -9.04 -22.52 2.67
CA ARG A 30 -8.37 -23.59 3.39
C ARG A 30 -7.31 -24.34 2.58
N PHE A 31 -7.60 -24.60 1.32
CA PHE A 31 -6.66 -25.31 0.48
C PHE A 31 -5.38 -24.50 0.28
N TYR A 32 -5.55 -23.21 0.02
CA TYR A 32 -4.37 -22.37 -0.17
C TYR A 32 -3.54 -22.26 1.08
N ALA A 33 -4.25 -22.05 2.15
CA ALA A 33 -3.60 -21.81 3.43
C ALA A 33 -2.88 -23.01 3.97
N GLU A 34 -3.53 -24.16 3.84
CA GLU A 34 -3.04 -25.41 4.39
C GLU A 34 -2.17 -26.22 3.45
N HIS A 35 -2.40 -26.14 2.15
CA HIS A 35 -1.60 -26.87 1.19
C HIS A 35 -0.83 -26.17 0.10
N LEU A 36 -1.48 -25.35 -0.70
CA LEU A 36 -0.80 -24.74 -1.80
C LEU A 36 0.33 -23.79 -1.36
N MET A 37 0.05 -22.87 -0.44
CA MET A 37 1.07 -21.89 -0.10
C MET A 37 2.27 -22.47 0.63
N PRO A 38 1.94 -23.40 1.65
CA PRO A 38 3.12 -24.00 2.27
C PRO A 38 3.97 -24.79 1.27
N THR A 39 3.36 -25.50 0.34
CA THR A 39 4.09 -26.22 -0.67
C THR A 39 4.90 -25.32 -1.59
N LEU A 40 4.31 -24.23 -2.03
CA LEU A 40 5.05 -23.29 -2.83
C LEU A 40 6.26 -22.74 -2.09
N GLN A 41 6.14 -22.45 -0.78
N GLN A 41 6.16 -22.45 -0.80
CA GLN A 41 7.21 -21.83 -0.01
CA GLN A 41 7.25 -21.85 -0.05
C GLN A 41 8.34 -22.81 0.20
C GLN A 41 8.38 -22.83 0.08
N GLY A 42 7.94 -24.03 0.20
CA GLY A 42 8.83 -25.17 0.23
C GLY A 42 9.66 -25.39 -1.01
N LEU A 43 9.09 -25.11 -2.15
CA LEU A 43 9.75 -25.24 -3.41
C LEU A 43 10.60 -24.04 -3.83
N LEU A 44 10.13 -22.82 -3.51
CA LEU A 44 10.70 -21.62 -4.05
C LEU A 44 11.03 -20.60 -2.94
N ASP A 45 12.21 -20.01 -3.02
CA ASP A 45 12.54 -18.92 -2.12
C ASP A 45 11.58 -17.73 -2.33
N PRO A 46 11.53 -16.82 -1.37
CA PRO A 46 10.48 -15.81 -1.46
C PRO A 46 10.56 -14.95 -2.70
N GLU A 47 11.74 -14.51 -3.10
CA GLU A 47 11.81 -13.68 -4.35
C GLU A 47 11.41 -14.44 -5.58
N SER A 48 11.78 -15.72 -5.65
CA SER A 48 11.30 -16.52 -6.82
C SER A 48 9.82 -16.70 -6.83
N ALA A 49 9.25 -16.97 -5.64
CA ALA A 49 7.84 -17.11 -5.52
C ALA A 49 7.12 -15.81 -5.89
N HIS A 50 7.63 -14.68 -5.46
CA HIS A 50 7.04 -13.43 -5.82
C HIS A 50 7.03 -13.20 -7.33
N ARG A 51 8.16 -13.46 -7.95
CA ARG A 51 8.22 -13.31 -9.41
C ARG A 51 7.23 -14.19 -10.09
N LEU A 52 7.10 -15.46 -9.70
CA LEU A 52 6.10 -16.37 -10.30
C LEU A 52 4.67 -15.91 -10.05
N ALA A 53 4.41 -15.39 -8.80
CA ALA A 53 3.12 -14.90 -8.51
C ALA A 53 2.73 -13.68 -9.38
N VAL A 54 3.67 -12.80 -9.59
CA VAL A 54 3.43 -11.63 -10.48
C VAL A 54 3.03 -12.17 -11.90
N ARG A 55 3.84 -13.12 -12.32
CA ARG A 55 3.50 -13.74 -13.68
C ARG A 55 2.16 -14.33 -13.75
N PHE A 56 1.78 -15.18 -12.81
CA PHE A 56 0.46 -15.78 -12.81
C PHE A 56 -0.69 -14.82 -12.73
N THR A 57 -0.47 -13.79 -11.86
CA THR A 57 -1.49 -12.82 -11.67
C THR A 57 -1.62 -12.02 -12.98
N SER A 58 -0.52 -11.67 -13.60
CA SER A 58 -0.49 -10.84 -14.84
C SER A 58 -1.31 -11.53 -15.89
N LEU A 59 -1.24 -12.85 -15.88
CA LEU A 59 -2.06 -13.69 -16.89
C LEU A 59 -3.46 -13.99 -16.49
N GLY A 60 -3.88 -13.56 -15.29
CA GLY A 60 -5.19 -13.81 -14.77
C GLY A 60 -5.45 -15.27 -14.37
N LEU A 61 -4.39 -16.00 -14.10
CA LEU A 61 -4.43 -17.41 -13.65
C LEU A 61 -4.64 -17.54 -12.15
N LEU A 62 -5.87 -17.35 -11.79
CA LEU A 62 -6.25 -17.14 -10.36
C LEU A 62 -7.38 -18.03 -9.90
N PRO A 63 -7.42 -18.40 -8.59
CA PRO A 63 -8.63 -19.05 -8.10
C PRO A 63 -9.81 -18.11 -8.24
N ARG A 64 -10.99 -18.69 -8.40
CA ARG A 64 -12.20 -17.90 -8.59
C ARG A 64 -12.55 -17.01 -7.40
N ALA A 65 -12.74 -15.72 -7.68
CA ALA A 65 -13.14 -14.70 -6.70
C ALA A 65 -14.65 -14.62 -6.74
N ARG A 66 -15.27 -15.57 -6.06
CA ARG A 66 -16.72 -15.61 -5.86
C ARG A 66 -17.34 -14.37 -5.17
N PHE A 67 -16.63 -13.75 -4.22
CA PHE A 67 -17.23 -12.67 -3.40
C PHE A 67 -17.68 -11.48 -4.24
N GLN A 68 -18.91 -11.04 -4.00
CA GLN A 68 -19.46 -9.96 -4.82
C GLN A 68 -19.54 -8.76 -3.94
N ASP A 69 -18.91 -7.68 -4.34
CA ASP A 69 -18.84 -6.52 -3.46
C ASP A 69 -20.27 -5.98 -3.24
N SER A 70 -20.66 -5.81 -2.01
CA SER A 70 -21.91 -5.13 -1.71
C SER A 70 -21.75 -3.70 -1.61
N ASP A 71 -22.87 -2.99 -1.69
CA ASP A 71 -22.83 -1.59 -1.62
C ASP A 71 -22.29 -1.06 -0.27
N MET A 72 -22.38 -1.87 0.80
CA MET A 72 -21.92 -1.44 2.16
C MET A 72 -20.38 -1.25 2.13
N LEU A 73 -19.75 -1.81 1.11
CA LEU A 73 -18.23 -1.76 1.05
C LEU A 73 -17.71 -0.61 0.23
N GLU A 74 -18.61 0.12 -0.49
CA GLU A 74 -18.20 1.24 -1.32
C GLU A 74 -17.77 2.41 -0.49
N VAL A 75 -16.73 3.07 -0.85
CA VAL A 75 -16.22 4.29 -0.23
C VAL A 75 -15.94 5.35 -1.24
N ARG A 76 -16.29 6.59 -0.92
CA ARG A 76 -15.90 7.69 -1.78
C ARG A 76 -14.91 8.58 -1.09
N VAL A 77 -13.71 8.66 -1.66
CA VAL A 77 -12.62 9.43 -1.11
C VAL A 77 -11.60 9.81 -2.18
N LEU A 78 -10.78 10.82 -1.96
CA LEU A 78 -9.66 11.13 -2.85
C LEU A 78 -10.14 11.45 -4.27
N GLY A 79 -11.36 11.93 -4.37
CA GLY A 79 -11.92 12.28 -5.67
C GLY A 79 -12.42 11.09 -6.45
N HIS A 80 -12.51 9.95 -5.76
CA HIS A 80 -12.92 8.73 -6.39
C HIS A 80 -13.91 7.83 -5.62
N LYS A 81 -14.56 6.96 -6.35
CA LYS A 81 -15.31 5.88 -5.84
C LYS A 81 -14.48 4.60 -5.84
N PHE A 82 -14.54 3.90 -4.70
CA PHE A 82 -13.85 2.66 -4.52
C PHE A 82 -14.86 1.57 -4.26
N ARG A 83 -14.96 0.55 -5.09
CA ARG A 83 -16.01 -0.43 -4.97
C ARG A 83 -15.94 -1.22 -3.61
N ASN A 84 -14.69 -1.44 -3.20
CA ASN A 84 -14.43 -2.00 -1.84
C ASN A 84 -13.18 -1.27 -1.31
N PRO A 85 -12.89 -1.38 0.00
CA PRO A 85 -11.85 -0.58 0.56
C PRO A 85 -10.53 -1.38 0.72
N VAL A 86 -10.38 -2.53 0.10
CA VAL A 86 -9.22 -3.43 0.29
C VAL A 86 -8.34 -3.31 -0.92
N GLY A 87 -7.19 -2.71 -0.77
CA GLY A 87 -6.24 -2.62 -1.86
C GLY A 87 -4.99 -3.43 -1.68
N ILE A 88 -4.30 -3.59 -2.81
CA ILE A 88 -2.96 -4.21 -2.78
C ILE A 88 -1.91 -3.17 -2.55
N ALA A 89 -1.14 -3.34 -1.46
CA ALA A 89 -0.10 -2.36 -1.12
C ALA A 89 1.04 -2.35 -2.13
N ALA A 90 1.76 -1.24 -2.16
CA ALA A 90 2.96 -1.13 -2.99
C ALA A 90 3.93 -2.21 -2.65
N GLY A 91 4.67 -2.66 -3.67
CA GLY A 91 5.75 -3.62 -3.48
C GLY A 91 5.45 -4.97 -4.11
N PHE A 92 4.21 -5.30 -4.34
CA PHE A 92 3.82 -6.56 -4.94
C PHE A 92 4.00 -6.37 -6.48
N ASP A 93 3.35 -5.37 -7.00
CA ASP A 93 3.51 -5.07 -8.50
C ASP A 93 4.36 -3.76 -8.60
N LYS A 94 5.66 -3.90 -8.47
CA LYS A 94 6.57 -2.83 -8.45
C LYS A 94 6.52 -2.07 -9.75
N HIS A 95 6.35 -2.86 -10.82
CA HIS A 95 6.56 -2.27 -12.19
C HIS A 95 5.30 -2.23 -13.03
N GLY A 96 4.11 -2.38 -12.51
CA GLY A 96 2.87 -2.21 -13.20
C GLY A 96 2.64 -3.29 -14.23
N GLU A 97 3.01 -4.48 -13.88
CA GLU A 97 2.85 -5.68 -14.75
C GLU A 97 1.60 -6.49 -14.51
N ALA A 98 0.85 -6.33 -13.42
CA ALA A 98 -0.18 -7.26 -12.97
C ALA A 98 -1.45 -6.54 -12.53
N VAL A 99 -1.65 -5.29 -13.01
CA VAL A 99 -2.69 -4.45 -12.53
C VAL A 99 -4.07 -5.12 -12.74
N ASP A 100 -4.37 -5.58 -13.99
CA ASP A 100 -5.63 -6.16 -14.22
C ASP A 100 -5.93 -7.50 -13.47
N GLY A 101 -4.91 -8.28 -13.34
CA GLY A 101 -4.95 -9.51 -12.52
C GLY A 101 -5.26 -9.22 -11.10
N LEU A 102 -4.71 -8.11 -10.61
CA LEU A 102 -5.01 -7.69 -9.24
C LEU A 102 -6.47 -7.28 -9.05
N TYR A 103 -7.04 -6.57 -10.00
CA TYR A 103 -8.47 -6.28 -9.89
C TYR A 103 -9.25 -7.61 -9.90
N LYS A 104 -8.82 -8.53 -10.73
CA LYS A 104 -9.51 -9.81 -10.85
C LYS A 104 -9.48 -10.57 -9.53
N MET A 105 -8.41 -10.36 -8.80
CA MET A 105 -8.23 -10.98 -7.51
C MET A 105 -9.21 -10.42 -6.51
N GLY A 106 -9.81 -9.28 -6.83
CA GLY A 106 -10.84 -8.70 -5.98
C GLY A 106 -10.45 -7.46 -5.18
N PHE A 107 -9.27 -6.95 -5.44
CA PHE A 107 -8.89 -5.68 -4.79
C PHE A 107 -9.74 -4.53 -5.34
N GLY A 108 -10.17 -3.66 -4.46
CA GLY A 108 -10.91 -2.47 -4.78
C GLY A 108 -10.08 -1.37 -5.43
N PHE A 109 -8.79 -1.43 -5.19
CA PHE A 109 -7.86 -0.53 -5.82
C PHE A 109 -6.49 -1.17 -5.86
N VAL A 110 -5.67 -0.72 -6.79
CA VAL A 110 -4.33 -1.22 -6.99
C VAL A 110 -3.29 -0.11 -6.88
N GLU A 111 -2.24 -0.33 -6.10
CA GLU A 111 -1.14 0.58 -6.08
C GLU A 111 0.11 -0.11 -6.62
N ILE A 112 0.71 0.46 -7.66
CA ILE A 112 1.93 -0.05 -8.15
C ILE A 112 3.14 0.72 -7.70
N GLY A 113 4.29 0.15 -7.80
CA GLY A 113 5.52 0.78 -7.35
C GLY A 113 6.17 0.17 -6.10
N SER A 114 7.20 0.79 -5.57
CA SER A 114 7.74 2.10 -5.92
C SER A 114 8.46 2.06 -7.28
N VAL A 115 8.28 3.14 -8.01
CA VAL A 115 8.98 3.32 -9.31
C VAL A 115 10.03 4.44 -9.12
N THR A 116 11.25 4.23 -9.64
CA THR A 116 12.28 5.20 -9.56
C THR A 116 12.49 5.85 -10.93
N PRO A 117 13.09 7.00 -10.98
CA PRO A 117 13.22 7.69 -12.33
C PRO A 117 13.93 6.84 -13.32
N LYS A 118 15.13 6.45 -13.03
CA LYS A 118 15.96 5.55 -13.89
C LYS A 118 15.81 4.15 -13.43
N PRO A 119 15.91 3.16 -14.31
CA PRO A 119 15.96 1.81 -13.87
C PRO A 119 17.10 1.58 -12.90
N GLN A 120 16.87 0.68 -11.92
CA GLN A 120 17.93 0.26 -10.98
C GLN A 120 17.63 -1.13 -10.43
N GLU A 121 18.71 -1.82 -10.09
N GLU A 121 18.71 -1.84 -10.10
CA GLU A 121 18.65 -3.24 -9.75
CA GLU A 121 18.61 -3.26 -9.78
C GLU A 121 18.22 -3.56 -8.33
C GLU A 121 18.22 -3.58 -8.34
N GLY A 122 18.40 -2.62 -7.48
CA GLY A 122 18.19 -2.83 -6.02
C GLY A 122 19.35 -3.55 -5.37
N ASN A 123 19.13 -4.11 -4.14
CA ASN A 123 20.23 -4.75 -3.44
C ASN A 123 20.51 -6.09 -3.91
N PRO A 124 21.74 -6.65 -3.55
CA PRO A 124 22.03 -8.02 -3.86
C PRO A 124 21.19 -9.07 -3.18
N ARG A 125 20.97 -10.22 -3.80
CA ARG A 125 20.21 -11.34 -3.35
C ARG A 125 21.01 -12.30 -2.43
N PRO A 126 20.40 -12.81 -1.38
CA PRO A 126 18.95 -12.70 -0.99
C PRO A 126 18.68 -11.37 -0.28
N ARG A 127 17.36 -10.97 -0.52
CA ARG A 127 16.90 -9.66 -0.03
C ARG A 127 15.44 -9.70 0.45
N VAL A 128 14.89 -10.87 0.52
CA VAL A 128 13.56 -11.04 1.10
C VAL A 128 13.56 -12.32 1.89
N PHE A 129 12.95 -12.29 3.08
CA PHE A 129 13.03 -13.37 4.03
C PHE A 129 11.68 -13.61 4.74
N ARG A 130 11.28 -14.87 4.76
N ARG A 130 11.28 -14.87 4.76
CA ARG A 130 10.09 -15.24 5.49
CA ARG A 130 10.10 -15.24 5.50
C ARG A 130 10.35 -15.52 6.98
C ARG A 130 10.36 -15.51 6.99
N LEU A 131 9.39 -15.13 7.82
CA LEU A 131 9.39 -15.44 9.24
C LEU A 131 8.06 -16.13 9.53
N PRO A 132 8.02 -17.41 9.16
CA PRO A 132 6.70 -18.06 9.22
C PRO A 132 6.07 -18.12 10.61
N GLU A 133 6.86 -18.32 11.62
CA GLU A 133 6.39 -18.42 12.97
C GLU A 133 5.74 -17.13 13.42
N ASP A 134 6.08 -16.04 12.76
CA ASP A 134 5.58 -14.73 13.08
C ASP A 134 4.49 -14.15 12.12
N GLN A 135 4.21 -14.93 11.05
CA GLN A 135 3.39 -14.47 9.97
C GLN A 135 3.93 -13.10 9.46
N ALA A 136 5.21 -13.03 9.26
CA ALA A 136 5.95 -11.84 8.91
C ALA A 136 6.94 -12.07 7.79
N VAL A 137 7.34 -10.97 7.16
CA VAL A 137 8.43 -10.93 6.19
C VAL A 137 9.29 -9.80 6.50
N ILE A 138 10.61 -10.00 6.18
CA ILE A 138 11.56 -8.91 6.18
C ILE A 138 12.10 -8.75 4.74
N ASN A 139 12.08 -7.53 4.24
CA ASN A 139 12.64 -7.25 2.91
C ASN A 139 13.61 -6.10 2.97
N ARG A 140 14.62 -6.23 2.06
CA ARG A 140 15.59 -5.17 1.78
C ARG A 140 15.78 -5.09 0.23
N TYR A 141 14.66 -5.00 -0.49
CA TYR A 141 14.79 -4.93 -2.00
C TYR A 141 15.60 -3.77 -2.41
N GLY A 142 15.47 -2.57 -1.81
CA GLY A 142 16.20 -1.39 -2.23
C GLY A 142 15.68 -0.78 -3.51
N PHE A 143 14.36 -0.71 -3.74
CA PHE A 143 13.77 -0.03 -4.92
C PHE A 143 14.36 -0.63 -6.20
N ASN A 144 14.31 -1.89 -6.35
CA ASN A 144 14.45 -2.57 -7.63
C ASN A 144 13.35 -1.99 -8.53
N SER A 145 13.67 -1.41 -9.72
CA SER A 145 12.64 -0.78 -10.45
C SER A 145 13.00 -0.79 -12.00
N HIS A 146 12.00 -1.10 -12.79
CA HIS A 146 12.12 -0.92 -14.28
C HIS A 146 12.30 0.54 -14.67
N GLY A 147 12.00 1.54 -13.78
CA GLY A 147 12.13 2.94 -14.10
C GLY A 147 10.91 3.53 -14.77
N LEU A 148 10.85 4.84 -14.75
CA LEU A 148 9.69 5.62 -15.15
C LEU A 148 9.24 5.34 -16.61
N SER A 149 10.24 5.30 -17.45
N SER A 149 10.21 5.31 -17.48
CA SER A 149 9.98 5.14 -18.90
CA SER A 149 9.86 5.18 -18.93
C SER A 149 9.26 3.86 -19.22
C SER A 149 9.23 3.84 -19.26
N VAL A 150 9.79 2.78 -18.69
CA VAL A 150 9.17 1.51 -18.94
C VAL A 150 7.75 1.42 -18.38
N VAL A 151 7.60 1.90 -17.15
CA VAL A 151 6.33 1.82 -16.47
C VAL A 151 5.32 2.70 -17.20
N GLU A 152 5.77 3.87 -17.65
CA GLU A 152 4.89 4.82 -18.32
C GLU A 152 4.29 4.16 -19.57
N HIS A 153 5.14 3.46 -20.25
CA HIS A 153 4.70 2.81 -21.48
C HIS A 153 3.74 1.66 -21.22
N ARG A 154 4.03 0.92 -20.17
CA ARG A 154 3.17 -0.15 -19.75
C ARG A 154 1.78 0.36 -19.31
N LEU A 155 1.76 1.43 -18.56
CA LEU A 155 0.49 2.01 -18.19
C LEU A 155 -0.24 2.60 -19.39
N ARG A 156 0.51 3.22 -20.27
CA ARG A 156 -0.11 3.87 -21.40
C ARG A 156 -0.85 2.83 -22.27
N ALA A 157 -0.31 1.64 -22.28
CA ALA A 157 -0.90 0.59 -23.16
C ALA A 157 -2.29 0.17 -22.75
N ARG A 158 -2.62 0.48 -21.49
CA ARG A 158 -3.90 0.18 -20.90
C ARG A 158 -4.63 1.37 -20.28
N GLN A 159 -4.26 2.57 -20.70
CA GLN A 159 -4.74 3.79 -20.09
C GLN A 159 -6.25 3.94 -20.20
N GLN A 160 -6.82 3.65 -21.37
CA GLN A 160 -8.26 3.73 -21.51
C GLN A 160 -9.02 2.69 -20.74
N LYS A 161 -8.48 1.51 -20.69
CA LYS A 161 -9.09 0.45 -19.92
C LYS A 161 -9.08 0.88 -18.43
N GLN A 162 -7.97 1.44 -17.98
CA GLN A 162 -7.93 1.97 -16.60
C GLN A 162 -8.95 3.10 -16.40
N ALA A 163 -9.10 4.00 -17.35
CA ALA A 163 -10.02 5.06 -17.14
C ALA A 163 -11.37 4.49 -16.90
N LYS A 164 -11.73 3.44 -17.64
CA LYS A 164 -13.02 2.80 -17.42
C LYS A 164 -13.13 2.11 -16.04
N LEU A 165 -12.07 1.46 -15.63
CA LEU A 165 -12.00 0.77 -14.35
C LEU A 165 -12.18 1.79 -13.23
N THR A 166 -11.55 2.93 -13.39
CA THR A 166 -11.61 3.95 -12.37
C THR A 166 -13.04 4.51 -12.32
N GLU A 167 -13.66 4.67 -13.44
N GLU A 167 -13.66 4.68 -13.45
CA GLU A 167 -15.03 5.11 -13.45
CA GLU A 167 -15.03 5.13 -13.44
C GLU A 167 -15.94 4.10 -12.78
C GLU A 167 -15.94 4.11 -12.78
N ASP A 168 -15.59 2.84 -12.85
N ASP A 168 -15.59 2.84 -12.85
CA ASP A 168 -16.41 1.77 -12.35
CA ASP A 168 -16.43 1.78 -12.33
C ASP A 168 -16.16 1.43 -10.86
C ASP A 168 -16.17 1.44 -10.85
N GLY A 169 -15.31 2.19 -10.28
CA GLY A 169 -14.87 2.24 -8.88
C GLY A 169 -13.64 1.40 -8.54
N LEU A 170 -12.74 1.30 -9.54
CA LEU A 170 -11.49 0.55 -9.43
C LEU A 170 -10.23 1.36 -9.79
N PRO A 171 -9.95 2.31 -8.79
CA PRO A 171 -8.84 3.22 -9.05
C PRO A 171 -7.43 2.64 -8.97
N LEU A 172 -6.53 3.41 -9.56
CA LEU A 172 -5.12 3.07 -9.64
C LEU A 172 -4.25 4.11 -8.96
N GLY A 173 -3.37 3.66 -8.02
CA GLY A 173 -2.34 4.48 -7.42
C GLY A 173 -0.98 4.13 -7.92
N VAL A 174 -0.10 5.11 -7.97
CA VAL A 174 1.27 4.99 -8.37
C VAL A 174 2.16 5.50 -7.30
N ASN A 175 3.06 4.67 -6.81
CA ASN A 175 3.96 5.03 -5.74
C ASN A 175 5.35 5.33 -6.28
N LEU A 176 5.82 6.49 -5.95
CA LEU A 176 7.06 7.02 -6.44
C LEU A 176 8.25 6.94 -5.51
N GLY A 177 9.40 6.50 -5.96
CA GLY A 177 10.62 6.45 -5.20
C GLY A 177 11.72 7.31 -5.83
N LYS A 178 12.90 7.10 -5.30
CA LYS A 178 14.03 7.90 -5.77
C LYS A 178 15.19 6.97 -5.98
N ASN A 179 16.05 7.31 -6.96
CA ASN A 179 17.16 6.46 -7.24
C ASN A 179 18.26 6.56 -6.19
N LYS A 180 18.98 5.49 -6.02
CA LYS A 180 20.09 5.32 -5.02
C LYS A 180 21.10 6.44 -5.20
N THR A 181 21.46 6.73 -6.42
CA THR A 181 22.53 7.68 -6.70
C THR A 181 22.09 9.11 -7.04
N SER A 182 20.82 9.40 -6.86
CA SER A 182 20.32 10.72 -7.17
C SER A 182 20.92 11.80 -6.27
N VAL A 183 21.25 12.94 -6.85
CA VAL A 183 21.76 14.06 -6.09
C VAL A 183 20.73 15.12 -5.78
N ASP A 184 19.47 14.83 -6.05
CA ASP A 184 18.41 15.76 -5.84
C ASP A 184 17.09 14.99 -5.67
N ALA A 185 16.73 14.63 -4.45
CA ALA A 185 15.58 13.78 -4.23
C ALA A 185 14.30 14.41 -4.71
N ALA A 186 14.17 15.69 -4.44
CA ALA A 186 12.95 16.37 -4.78
C ALA A 186 12.76 16.32 -6.31
N GLU A 187 13.82 16.42 -7.05
CA GLU A 187 13.73 16.31 -8.50
C GLU A 187 13.32 14.90 -8.99
N ASP A 188 13.79 13.89 -8.29
CA ASP A 188 13.37 12.54 -8.62
C ASP A 188 11.85 12.45 -8.45
N TYR A 189 11.32 12.94 -7.35
CA TYR A 189 9.89 12.88 -7.18
C TYR A 189 9.12 13.74 -8.19
N ALA A 190 9.62 14.92 -8.44
CA ALA A 190 9.05 15.71 -9.48
C ALA A 190 9.04 14.99 -10.84
N GLU A 191 10.01 14.44 -11.23
N GLU A 191 10.06 14.32 -11.31
CA GLU A 191 10.05 13.65 -12.49
CA GLU A 191 10.00 13.63 -12.54
C GLU A 191 9.01 12.55 -12.49
C GLU A 191 8.89 12.57 -12.48
N GLY A 192 8.80 11.97 -11.43
CA GLY A 192 7.78 10.96 -11.29
C GLY A 192 6.37 11.49 -11.42
N VAL A 193 6.16 12.67 -10.84
CA VAL A 193 4.88 13.31 -10.94
C VAL A 193 4.60 13.62 -12.41
N ARG A 194 5.60 14.16 -13.07
CA ARG A 194 5.41 14.54 -14.47
C ARG A 194 5.15 13.36 -15.41
N VAL A 195 5.90 12.30 -15.17
CA VAL A 195 5.78 11.11 -16.00
C VAL A 195 4.60 10.19 -15.73
N LEU A 196 4.38 9.88 -14.47
CA LEU A 196 3.29 8.98 -14.13
C LEU A 196 2.04 9.61 -13.53
N GLY A 197 2.14 10.86 -13.13
CA GLY A 197 1.01 11.47 -12.52
C GLY A 197 -0.22 11.46 -13.43
N PRO A 198 0.13 11.72 -14.76
CA PRO A 198 -1.02 11.74 -15.69
C PRO A 198 -1.73 10.41 -15.89
N LEU A 199 -1.12 9.34 -15.40
CA LEU A 199 -1.65 8.02 -15.57
C LEU A 199 -2.27 7.43 -14.29
N ALA A 200 -2.25 8.23 -13.23
CA ALA A 200 -2.60 7.74 -11.89
C ALA A 200 -3.80 8.46 -11.32
N ASP A 201 -4.65 7.76 -10.60
CA ASP A 201 -5.67 8.38 -9.80
C ASP A 201 -5.11 9.04 -8.56
N TYR A 202 -4.10 8.42 -7.98
CA TYR A 202 -3.36 9.02 -6.89
C TYR A 202 -1.89 8.70 -6.98
N LEU A 203 -1.05 9.60 -6.48
CA LEU A 203 0.38 9.38 -6.39
C LEU A 203 0.77 9.28 -4.92
N VAL A 204 1.78 8.47 -4.67
CA VAL A 204 2.39 8.37 -3.35
C VAL A 204 3.84 8.81 -3.37
N VAL A 205 4.15 9.75 -2.49
CA VAL A 205 5.51 10.19 -2.20
C VAL A 205 5.90 9.30 -1.10
N ASN A 206 6.72 8.30 -1.50
CA ASN A 206 7.21 7.39 -0.59
C ASN A 206 8.47 7.79 0.04
N VAL A 207 8.42 8.47 1.26
CA VAL A 207 9.57 8.90 1.84
C VAL A 207 9.85 7.94 3.10
N SER A 208 9.39 6.69 3.05
CA SER A 208 9.52 5.83 4.27
C SER A 208 10.12 4.47 4.03
N SER A 209 10.69 4.19 2.81
CA SER A 209 11.38 2.93 2.73
C SER A 209 12.52 2.91 3.72
N PRO A 210 12.73 1.78 4.40
CA PRO A 210 13.94 1.68 5.24
C PRO A 210 15.17 1.26 4.54
N ASN A 211 15.07 1.04 3.23
CA ASN A 211 16.14 0.37 2.45
C ASN A 211 16.82 1.28 1.45
N THR A 212 16.62 2.56 1.55
CA THR A 212 17.39 3.52 0.78
C THR A 212 18.00 4.54 1.76
N ALA A 213 19.31 4.68 1.72
CA ALA A 213 20.03 5.49 2.69
C ALA A 213 19.55 6.91 2.58
N GLY A 214 19.30 7.51 3.72
CA GLY A 214 18.91 8.87 3.77
C GLY A 214 17.43 9.13 3.47
N LEU A 215 16.71 8.16 2.91
CA LEU A 215 15.34 8.50 2.45
C LEU A 215 14.41 8.98 3.56
N ARG A 216 14.46 8.26 4.70
CA ARG A 216 13.45 8.58 5.75
C ARG A 216 13.68 9.94 6.37
N SER A 217 14.87 10.50 6.23
N SER A 217 14.88 10.49 6.21
CA SER A 217 15.10 11.90 6.66
CA SER A 217 15.15 11.91 6.62
C SER A 217 14.24 12.92 5.91
C SER A 217 14.24 12.91 5.91
N LEU A 218 13.71 12.49 4.77
CA LEU A 218 12.80 13.35 4.01
C LEU A 218 11.47 13.56 4.73
N GLN A 219 11.22 12.73 5.72
CA GLN A 219 10.05 12.90 6.60
C GLN A 219 10.13 14.11 7.59
N GLY A 220 11.32 14.61 7.77
CA GLY A 220 11.52 15.74 8.64
C GLY A 220 11.25 17.04 7.93
N LYS A 221 10.72 17.88 8.89
N LYS A 221 10.77 17.84 8.90
CA LYS A 221 9.63 18.89 8.62
CA LYS A 221 9.78 18.89 8.70
C LYS A 221 10.03 19.82 7.51
C LYS A 221 10.04 19.80 7.51
N ALA A 222 11.26 20.27 7.62
CA ALA A 222 11.78 21.24 6.63
C ALA A 222 12.02 20.56 5.27
N GLU A 223 12.57 19.38 5.32
CA GLU A 223 12.76 18.62 4.09
C GLU A 223 11.43 18.30 3.47
N LEU A 224 10.49 17.86 4.28
CA LEU A 224 9.22 17.46 3.76
C LEU A 224 8.49 18.66 3.14
N ARG A 225 8.54 19.80 3.83
CA ARG A 225 7.82 20.91 3.33
C ARG A 225 8.37 21.32 1.97
N ARG A 226 9.69 21.31 1.87
CA ARG A 226 10.31 21.66 0.61
C ARG A 226 9.98 20.66 -0.50
N LEU A 227 10.09 19.38 -0.20
CA LEU A 227 9.83 18.36 -1.19
C LEU A 227 8.37 18.38 -1.64
N LEU A 228 7.47 18.48 -0.67
CA LEU A 228 6.06 18.44 -0.96
C LEU A 228 5.56 19.66 -1.74
N THR A 229 6.13 20.81 -1.40
CA THR A 229 5.75 21.99 -2.13
C THR A 229 6.08 21.79 -3.61
N LYS A 230 7.26 21.29 -3.89
CA LYS A 230 7.71 21.00 -5.29
C LYS A 230 6.81 19.99 -5.94
N VAL A 231 6.58 18.90 -5.21
CA VAL A 231 5.68 17.86 -5.76
C VAL A 231 4.30 18.39 -6.06
N LEU A 232 3.71 19.14 -5.16
CA LEU A 232 2.39 19.67 -5.37
C LEU A 232 2.34 20.67 -6.54
N GLN A 233 3.39 21.46 -6.66
CA GLN A 233 3.44 22.40 -7.76
C GLN A 233 3.38 21.63 -9.12
N GLU A 234 4.24 20.66 -9.17
N GLU A 234 4.21 20.65 -9.14
CA GLU A 234 4.27 19.79 -10.39
CA GLU A 234 4.28 19.82 -10.36
C GLU A 234 2.94 19.23 -10.65
C GLU A 234 2.98 19.19 -10.64
N ARG A 235 2.34 18.68 -9.65
CA ARG A 235 1.01 18.10 -9.85
C ARG A 235 -0.02 19.10 -10.38
N ASP A 236 -0.04 20.27 -9.74
CA ASP A 236 -1.03 21.27 -10.07
C ASP A 236 -0.85 21.75 -11.53
N GLY A 237 0.34 21.59 -12.02
CA GLY A 237 0.63 21.90 -13.42
C GLY A 237 0.14 20.91 -14.47
N LEU A 238 -0.36 19.77 -14.05
CA LEU A 238 -0.93 18.83 -14.96
C LEU A 238 -2.37 19.24 -15.34
N ARG A 239 -2.78 18.82 -16.54
CA ARG A 239 -4.14 19.09 -16.97
C ARG A 239 -5.15 18.40 -16.07
N ARG A 240 -6.32 19.02 -15.94
CA ARG A 240 -7.26 18.67 -14.90
C ARG A 240 -7.62 17.22 -14.94
N VAL A 241 -7.81 16.69 -16.11
CA VAL A 241 -8.24 15.32 -16.22
C VAL A 241 -7.13 14.30 -15.88
N HIS A 242 -5.93 14.83 -15.82
CA HIS A 242 -4.74 14.11 -15.52
C HIS A 242 -4.07 14.46 -14.24
N ARG A 243 -4.83 15.07 -13.34
CA ARG A 243 -4.27 15.59 -12.12
C ARG A 243 -4.58 14.66 -10.93
N PRO A 244 -3.58 13.93 -10.46
CA PRO A 244 -3.85 12.97 -9.39
C PRO A 244 -3.87 13.59 -7.97
N ALA A 245 -4.50 12.89 -7.05
CA ALA A 245 -4.33 13.17 -5.63
C ALA A 245 -2.91 12.82 -5.22
N VAL A 246 -2.35 13.50 -4.24
CA VAL A 246 -1.03 13.22 -3.78
C VAL A 246 -1.09 12.82 -2.30
N LEU A 247 -0.53 11.67 -1.99
CA LEU A 247 -0.45 11.22 -0.62
C LEU A 247 1.00 11.01 -0.22
N VAL A 248 1.25 11.05 1.09
CA VAL A 248 2.57 10.82 1.60
C VAL A 248 2.48 9.54 2.43
N LYS A 249 3.43 8.64 2.18
CA LYS A 249 3.50 7.39 2.89
C LYS A 249 4.59 7.44 3.94
N ILE A 250 4.19 7.17 5.18
CA ILE A 250 5.05 7.36 6.29
C ILE A 250 5.36 6.07 7.04
N ALA A 251 6.49 6.15 7.71
CA ALA A 251 6.96 5.08 8.50
C ALA A 251 6.16 4.90 9.82
N PRO A 252 6.33 3.59 10.28
CA PRO A 252 5.78 3.32 11.59
C PRO A 252 6.73 3.67 12.72
N ASP A 253 7.91 4.13 12.42
CA ASP A 253 8.99 4.31 13.34
C ASP A 253 9.28 5.76 13.74
N LEU A 254 8.34 6.61 13.50
CA LEU A 254 8.50 8.04 13.76
C LEU A 254 8.37 8.40 15.21
N THR A 255 9.05 9.46 15.63
CA THR A 255 8.82 10.02 16.93
C THR A 255 7.54 10.82 16.95
N SER A 256 7.10 11.14 18.14
CA SER A 256 5.92 11.93 18.29
C SER A 256 6.12 13.28 17.63
N GLN A 257 7.32 13.82 17.74
CA GLN A 257 7.62 15.08 17.07
C GLN A 257 7.53 15.01 15.54
N ASP A 258 8.03 13.90 14.98
CA ASP A 258 7.99 13.73 13.56
C ASP A 258 6.55 13.72 13.11
N LYS A 259 5.72 13.01 13.84
CA LYS A 259 4.32 12.87 13.47
C LYS A 259 3.59 14.23 13.52
N GLU A 260 3.88 14.98 14.58
CA GLU A 260 3.28 16.29 14.70
C GLU A 260 3.67 17.15 13.52
N ASP A 261 4.93 17.09 13.16
CA ASP A 261 5.47 17.89 12.09
C ASP A 261 4.83 17.51 10.76
N ILE A 262 4.69 16.22 10.53
CA ILE A 262 4.06 15.78 9.30
C ILE A 262 2.62 16.25 9.21
N ALA A 263 1.89 16.15 10.31
CA ALA A 263 0.51 16.57 10.27
C ALA A 263 0.43 18.05 9.94
N SER A 264 1.34 18.80 10.51
CA SER A 264 1.34 20.22 10.34
C SER A 264 1.60 20.58 8.89
N VAL A 265 2.57 19.91 8.32
CA VAL A 265 2.89 20.17 6.91
C VAL A 265 1.76 19.76 5.95
N VAL A 266 1.15 18.63 6.23
CA VAL A 266 0.09 18.14 5.37
C VAL A 266 -1.05 19.16 5.32
N LYS A 267 -1.35 19.70 6.48
CA LYS A 267 -2.36 20.74 6.59
C LYS A 267 -1.97 22.06 5.96
N GLU A 268 -0.75 22.48 6.14
CA GLU A 268 -0.28 23.73 5.57
C GLU A 268 -0.33 23.66 4.05
N LEU A 269 0.10 22.54 3.50
CA LEU A 269 0.17 22.41 2.04
C LEU A 269 -1.05 21.87 1.32
N GLY A 270 -1.96 21.31 2.07
CA GLY A 270 -3.10 20.67 1.49
C GLY A 270 -2.84 19.32 0.83
N ILE A 271 -1.92 18.57 1.39
CA ILE A 271 -1.69 17.21 0.89
C ILE A 271 -2.99 16.41 0.99
N ASP A 272 -3.28 15.56 0.00
CA ASP A 272 -4.52 14.97 -0.09
C ASP A 272 -4.84 13.79 0.87
N GLY A 273 -3.77 13.15 1.27
CA GLY A 273 -3.91 11.99 2.15
C GLY A 273 -2.56 11.43 2.55
N LEU A 274 -2.68 10.49 3.47
CA LEU A 274 -1.55 9.78 4.03
C LEU A 274 -1.74 8.26 3.90
N ILE A 275 -0.63 7.57 3.67
CA ILE A 275 -0.56 6.13 3.71
C ILE A 275 0.26 5.72 4.94
N VAL A 276 -0.37 4.92 5.79
CA VAL A 276 0.10 4.73 7.20
C VAL A 276 -0.09 3.20 7.44
N THR A 277 1.02 2.40 7.33
CA THR A 277 2.43 2.69 7.33
C THR A 277 3.16 1.80 6.37
N ASN A 278 4.38 2.20 6.14
CA ASN A 278 5.47 1.34 5.53
C ASN A 278 5.87 0.26 6.55
N THR A 279 6.87 -0.55 6.17
CA THR A 279 7.48 -1.53 7.07
C THR A 279 8.24 -0.88 8.18
N THR A 280 8.48 -1.69 9.25
CA THR A 280 9.20 -1.20 10.41
C THR A 280 10.67 -1.70 10.47
N VAL A 281 11.55 -0.82 10.88
CA VAL A 281 12.94 -1.18 11.22
C VAL A 281 13.08 -1.68 12.63
N SER A 282 12.00 -1.64 13.38
CA SER A 282 11.98 -2.21 14.72
C SER A 282 11.95 -3.73 14.61
N ARG A 283 12.24 -4.41 15.74
CA ARG A 283 12.07 -5.85 15.83
C ARG A 283 11.34 -6.09 17.16
N PRO A 284 10.00 -6.07 17.07
CA PRO A 284 9.21 -6.23 18.30
C PRO A 284 9.67 -7.39 19.05
N ALA A 285 9.63 -7.24 20.43
CA ALA A 285 9.96 -8.35 21.24
C ALA A 285 9.03 -9.53 20.92
N GLY A 286 9.57 -10.73 20.96
CA GLY A 286 8.79 -11.94 20.73
C GLY A 286 8.86 -12.63 19.37
N LEU A 287 9.48 -11.94 18.40
CA LEU A 287 9.66 -12.62 17.16
C LEU A 287 10.38 -13.96 17.29
N GLN A 288 9.89 -14.94 16.60
CA GLN A 288 10.41 -16.32 16.67
C GLN A 288 11.20 -16.74 15.40
N GLY A 289 10.94 -16.08 14.25
CA GLY A 289 11.55 -16.58 13.00
C GLY A 289 13.10 -16.54 13.20
N ALA A 290 13.66 -17.56 12.56
CA ALA A 290 15.13 -17.64 12.59
C ALA A 290 15.82 -16.44 11.96
N LEU A 291 15.06 -15.81 10.99
CA LEU A 291 15.57 -14.74 10.16
C LEU A 291 15.30 -13.32 10.70
N ARG A 292 14.82 -13.25 11.97
CA ARG A 292 14.42 -11.98 12.58
C ARG A 292 15.42 -10.88 12.61
N SER A 293 16.73 -11.22 12.62
CA SER A 293 17.71 -10.24 12.73
C SER A 293 18.32 -9.88 11.34
N GLU A 294 17.74 -10.32 10.25
CA GLU A 294 18.08 -9.83 8.92
C GLU A 294 17.79 -8.31 8.84
N THR A 295 18.62 -7.53 8.17
CA THR A 295 18.40 -6.11 7.89
C THR A 295 17.25 -5.97 6.90
N GLY A 296 16.38 -5.00 7.21
CA GLY A 296 15.31 -4.60 6.30
C GLY A 296 14.04 -4.18 7.04
N GLY A 297 13.01 -3.97 6.30
CA GLY A 297 11.71 -3.64 6.85
C GLY A 297 10.88 -4.89 7.09
N LEU A 298 10.31 -4.93 8.32
CA LEU A 298 9.44 -5.96 8.76
C LEU A 298 7.97 -5.66 8.55
N SER A 299 7.29 -6.60 7.94
CA SER A 299 5.84 -6.50 7.61
C SER A 299 5.02 -7.64 8.17
N GLY A 300 3.70 -7.66 8.03
CA GLY A 300 2.87 -8.71 8.56
C GLY A 300 2.45 -8.50 9.97
N LYS A 301 2.13 -9.58 10.66
CA LYS A 301 1.39 -9.46 11.93
C LYS A 301 2.07 -8.62 13.00
N PRO A 302 3.44 -8.78 13.06
CA PRO A 302 4.09 -7.99 14.14
C PRO A 302 4.00 -6.49 13.94
N LEU A 303 3.73 -6.09 12.71
CA LEU A 303 3.56 -4.70 12.40
C LEU A 303 2.11 -4.17 12.62
N ARG A 304 1.17 -5.08 12.78
CA ARG A 304 -0.22 -4.68 12.64
C ARG A 304 -0.69 -3.56 13.63
N ASP A 305 -0.51 -3.80 14.91
CA ASP A 305 -0.97 -2.82 15.86
C ASP A 305 -0.17 -1.53 15.93
N LEU A 306 1.10 -1.64 15.61
CA LEU A 306 1.95 -0.49 15.55
C LEU A 306 1.40 0.51 14.48
N SER A 307 1.08 -0.22 13.28
N SER A 307 0.99 -0.16 13.28
CA SER A 307 0.43 0.44 12.21
CA SER A 307 0.42 0.65 12.21
C SER A 307 -0.89 1.12 12.58
C SER A 307 -1.00 1.16 12.53
N THR A 308 -1.72 0.40 13.13
CA THR A 308 -3.03 0.84 13.62
C THR A 308 -2.92 2.05 14.58
N GLN A 309 -1.96 1.94 15.47
CA GLN A 309 -1.77 3.03 16.39
C GLN A 309 -1.29 4.30 15.68
N THR A 310 -0.46 4.10 14.67
CA THR A 310 0.02 5.24 13.93
C THR A 310 -1.16 5.90 13.18
N ILE A 311 -2.05 5.07 12.67
CA ILE A 311 -3.21 5.63 11.98
C ILE A 311 -4.00 6.47 12.97
N ARG A 312 -4.15 5.90 14.13
CA ARG A 312 -5.00 6.52 15.11
C ARG A 312 -4.46 7.91 15.45
N GLU A 313 -3.15 7.97 15.62
CA GLU A 313 -2.50 9.22 15.97
C GLU A 313 -2.59 10.26 14.84
N MET A 314 -2.35 9.81 13.61
CA MET A 314 -2.40 10.71 12.49
C MET A 314 -3.82 11.26 12.24
N TYR A 315 -4.81 10.41 12.44
CA TYR A 315 -6.19 10.84 12.23
C TYR A 315 -6.49 11.96 13.21
N ALA A 316 -6.08 11.75 14.46
CA ALA A 316 -6.31 12.78 15.47
C ALA A 316 -5.54 14.07 15.19
N LEU A 317 -4.28 13.98 14.84
CA LEU A 317 -3.43 15.13 14.51
C LEU A 317 -4.00 15.89 13.32
N THR A 318 -4.70 15.24 12.43
CA THR A 318 -5.30 15.92 11.24
C THR A 318 -6.79 16.22 11.37
N GLN A 319 -7.35 16.04 12.58
N GLN A 319 -7.31 16.07 12.59
CA GLN A 319 -8.77 16.32 12.86
CA GLN A 319 -8.72 16.29 12.90
C GLN A 319 -9.77 15.53 12.04
C GLN A 319 -9.67 15.58 12.04
N GLY A 320 -9.32 14.36 11.61
CA GLY A 320 -10.13 13.53 10.79
C GLY A 320 -10.43 14.09 9.35
N ARG A 321 -9.75 15.12 8.97
CA ARG A 321 -10.00 15.80 7.69
C ARG A 321 -9.09 15.37 6.56
N VAL A 322 -8.16 14.47 6.83
CA VAL A 322 -7.19 14.02 5.87
C VAL A 322 -7.31 12.52 5.62
N PRO A 323 -7.76 12.06 4.48
CA PRO A 323 -7.93 10.66 4.26
C PRO A 323 -6.64 9.86 4.54
N ILE A 324 -6.82 8.70 5.15
CA ILE A 324 -5.73 7.79 5.47
C ILE A 324 -6.00 6.44 4.80
N ILE A 325 -4.96 5.92 4.15
CA ILE A 325 -5.01 4.53 3.71
C ILE A 325 -4.16 3.73 4.71
N GLY A 326 -4.81 2.83 5.40
CA GLY A 326 -4.17 2.07 6.48
C GLY A 326 -3.61 0.78 6.02
N VAL A 327 -2.35 0.51 6.42
CA VAL A 327 -1.66 -0.67 5.92
C VAL A 327 -0.65 -1.16 6.95
N GLY A 328 -0.59 -2.47 7.06
CA GLY A 328 0.38 -3.13 7.96
C GLY A 328 -0.28 -4.22 8.74
N GLY A 329 -0.05 -5.47 8.39
CA GLY A 329 -0.51 -6.62 9.09
C GLY A 329 -2.01 -6.89 8.98
N VAL A 330 -2.69 -6.46 7.91
CA VAL A 330 -4.07 -6.82 7.69
C VAL A 330 -4.19 -8.20 7.08
N SER A 331 -4.77 -9.18 7.76
N SER A 331 -4.76 -9.19 7.77
CA SER A 331 -5.10 -10.45 7.18
CA SER A 331 -5.09 -10.50 7.23
C SER A 331 -6.52 -10.96 7.45
C SER A 331 -6.54 -10.95 7.43
N SER A 332 -7.34 -10.16 8.08
CA SER A 332 -8.71 -10.47 8.37
C SER A 332 -9.62 -9.28 8.32
N GLY A 333 -10.91 -9.58 8.35
CA GLY A 333 -11.86 -8.52 8.41
C GLY A 333 -11.69 -7.67 9.68
N GLN A 334 -11.42 -8.35 10.81
CA GLN A 334 -11.24 -7.64 12.05
C GLN A 334 -10.07 -6.68 11.94
N ASP A 335 -8.99 -7.17 11.31
CA ASP A 335 -7.85 -6.30 11.17
C ASP A 335 -8.19 -5.08 10.34
N ALA A 336 -8.92 -5.30 9.27
CA ALA A 336 -9.31 -4.17 8.45
C ALA A 336 -10.19 -3.18 9.21
N LEU A 337 -11.15 -3.71 9.92
CA LEU A 337 -12.10 -2.86 10.62
C LEU A 337 -11.39 -2.08 11.69
N GLU A 338 -10.40 -2.70 12.32
CA GLU A 338 -9.72 -2.01 13.41
C GLU A 338 -9.05 -0.76 12.86
N LYS A 339 -8.44 -0.89 11.70
CA LYS A 339 -7.81 0.27 11.07
C LYS A 339 -8.82 1.34 10.63
N ILE A 340 -9.92 0.87 10.10
CA ILE A 340 -10.99 1.77 9.63
C ILE A 340 -11.54 2.57 10.83
N ARG A 341 -11.83 1.87 11.91
CA ARG A 341 -12.31 2.55 13.11
C ARG A 341 -11.29 3.48 13.71
N ALA A 342 -10.03 3.16 13.52
CA ALA A 342 -8.94 4.03 13.94
C ALA A 342 -8.76 5.30 13.12
N GLY A 343 -9.35 5.33 11.93
CA GLY A 343 -9.26 6.50 11.08
C GLY A 343 -8.96 6.27 9.62
N ALA A 344 -8.77 5.03 9.24
CA ALA A 344 -8.51 4.75 7.81
C ALA A 344 -9.77 4.75 6.94
N SER A 345 -9.75 5.42 5.77
CA SER A 345 -10.81 5.31 4.85
C SER A 345 -10.75 4.13 3.93
N LEU A 346 -9.52 3.60 3.75
CA LEU A 346 -9.24 2.51 2.91
C LEU A 346 -8.12 1.70 3.63
N VAL A 347 -7.95 0.43 3.27
CA VAL A 347 -6.83 -0.34 3.77
C VAL A 347 -6.13 -1.04 2.62
N GLN A 348 -4.90 -1.41 2.88
CA GLN A 348 -4.17 -2.24 1.98
C GLN A 348 -3.55 -3.43 2.74
N LEU A 349 -3.25 -4.46 1.95
CA LEU A 349 -2.48 -5.61 2.40
C LEU A 349 -1.48 -6.10 1.33
N TYR A 350 -0.41 -6.72 1.78
CA TYR A 350 0.56 -7.42 0.97
C TYR A 350 0.97 -8.76 1.67
N THR A 351 1.55 -8.63 2.86
CA THR A 351 2.16 -9.80 3.45
C THR A 351 1.19 -11.00 3.63
N ALA A 352 -0.05 -10.67 3.96
CA ALA A 352 -1.04 -11.71 4.17
C ALA A 352 -1.17 -12.55 2.91
N LEU A 353 -1.09 -11.89 1.76
CA LEU A 353 -1.15 -12.61 0.46
C LEU A 353 -0.07 -13.63 0.37
N THR A 354 1.12 -13.32 0.94
CA THR A 354 2.24 -14.17 0.91
C THR A 354 2.10 -15.38 1.73
N PHE A 355 1.16 -15.45 2.74
CA PHE A 355 0.84 -16.53 3.56
C PHE A 355 -0.35 -17.30 3.11
N TRP A 356 -1.42 -16.60 2.78
N TRP A 356 -1.42 -16.59 2.80
CA TRP A 356 -2.70 -17.22 2.52
CA TRP A 356 -2.71 -17.19 2.53
C TRP A 356 -3.08 -17.28 1.03
C TRP A 356 -3.04 -17.32 1.03
N GLY A 357 -2.35 -16.57 0.19
CA GLY A 357 -2.64 -16.53 -1.21
C GLY A 357 -3.86 -15.73 -1.57
N PRO A 358 -4.21 -15.68 -2.85
CA PRO A 358 -5.31 -14.89 -3.34
C PRO A 358 -6.65 -14.98 -2.63
N PRO A 359 -7.03 -16.16 -2.06
CA PRO A 359 -8.31 -16.25 -1.35
C PRO A 359 -8.41 -15.29 -0.18
N VAL A 360 -7.26 -14.79 0.29
CA VAL A 360 -7.31 -13.87 1.44
C VAL A 360 -8.12 -12.62 1.18
N VAL A 361 -8.18 -12.20 -0.08
CA VAL A 361 -8.83 -10.98 -0.46
C VAL A 361 -10.35 -11.04 -0.17
N GLY A 362 -10.98 -12.11 -0.75
CA GLY A 362 -12.38 -12.31 -0.46
C GLY A 362 -12.69 -12.61 0.98
N LYS A 363 -11.75 -13.29 1.64
CA LYS A 363 -11.90 -13.56 3.07
C LYS A 363 -12.01 -12.27 3.83
N VAL A 364 -11.07 -11.34 3.59
CA VAL A 364 -11.07 -10.05 4.33
C VAL A 364 -12.37 -9.28 4.04
N LYS A 365 -12.78 -9.25 2.76
CA LYS A 365 -13.95 -8.48 2.42
C LYS A 365 -15.20 -9.08 3.06
N ARG A 366 -15.35 -10.40 3.00
CA ARG A 366 -16.55 -11.10 3.58
C ARG A 366 -16.63 -10.87 5.07
N GLU A 367 -15.48 -10.99 5.69
CA GLU A 367 -15.40 -10.78 7.17
C GLU A 367 -15.69 -9.37 7.52
N LEU A 368 -15.19 -8.40 6.76
CA LEU A 368 -15.40 -7.02 7.07
C LEU A 368 -16.88 -6.64 6.93
N GLU A 369 -17.51 -7.14 5.86
CA GLU A 369 -18.97 -6.87 5.64
C GLU A 369 -19.78 -7.44 6.85
N ALA A 370 -19.44 -8.59 7.30
CA ALA A 370 -20.13 -9.22 8.45
C ALA A 370 -19.99 -8.44 9.70
N LEU A 371 -18.76 -7.99 9.99
CA LEU A 371 -18.52 -7.20 11.16
C LEU A 371 -19.14 -5.83 11.13
N LEU A 372 -19.20 -5.15 9.96
CA LEU A 372 -19.86 -3.87 9.84
C LEU A 372 -21.37 -4.08 10.24
N LYS A 373 -21.93 -5.14 9.73
CA LYS A 373 -23.40 -5.43 10.04
C LYS A 373 -23.54 -5.63 11.53
N GLU A 374 -22.67 -6.44 12.12
CA GLU A 374 -22.74 -6.87 13.52
C GLU A 374 -22.56 -5.71 14.42
N GLN A 375 -21.79 -4.68 14.04
CA GLN A 375 -21.49 -3.51 14.90
C GLN A 375 -22.39 -2.30 14.66
N GLY A 376 -23.37 -2.54 13.78
CA GLY A 376 -24.44 -1.55 13.48
C GLY A 376 -24.02 -0.38 12.58
N PHE A 377 -22.98 -0.60 11.76
CA PHE A 377 -22.63 0.34 10.75
C PHE A 377 -23.37 0.12 9.48
N GLY A 378 -23.88 1.21 8.90
CA GLY A 378 -24.54 1.12 7.62
C GLY A 378 -23.66 0.81 6.41
N GLY A 379 -22.40 1.15 6.60
CA GLY A 379 -21.40 0.69 5.65
C GLY A 379 -20.03 1.14 6.15
N VAL A 380 -19.01 0.98 5.27
CA VAL A 380 -17.65 1.38 5.68
C VAL A 380 -17.55 2.75 6.08
N THR A 381 -18.22 3.71 5.34
CA THR A 381 -18.09 5.07 5.58
C THR A 381 -18.46 5.52 7.01
N ASP A 382 -19.44 4.85 7.54
CA ASP A 382 -19.96 5.13 8.90
C ASP A 382 -18.95 4.70 9.96
N ALA A 383 -18.12 3.72 9.65
CA ALA A 383 -17.10 3.18 10.58
C ALA A 383 -15.82 3.98 10.57
N ILE A 384 -15.57 4.78 9.55
CA ILE A 384 -14.32 5.50 9.53
C ILE A 384 -14.16 6.44 10.71
N GLY A 385 -13.11 6.21 11.42
CA GLY A 385 -12.80 7.01 12.58
C GLY A 385 -13.72 6.82 13.81
N ALA A 386 -14.49 5.76 13.81
CA ALA A 386 -15.54 5.62 14.83
C ALA A 386 -14.98 5.58 16.25
N ASP A 387 -13.77 5.05 16.40
CA ASP A 387 -13.25 4.89 17.75
C ASP A 387 -13.09 6.28 18.41
N HIS A 388 -12.82 7.27 17.56
CA HIS A 388 -12.56 8.61 18.04
C HIS A 388 -13.81 9.33 18.55
N ARG A 389 -14.95 8.78 18.22
CA ARG A 389 -16.23 9.38 18.47
C ARG A 389 -16.95 8.63 19.56
N ARG A 390 -16.25 7.90 20.40
N ARG A 390 -16.37 7.96 20.51
CA ARG A 390 -16.75 7.00 21.43
CA ARG A 390 -17.20 7.49 21.57
C ARG A 390 -16.83 7.67 22.81
C ARG A 390 -16.80 7.83 22.96
CL CL B . 18.56 -12.57 17.31
N1 DDQ C . 1.20 -30.53 2.08
O1 DDQ C . 0.30 -30.22 1.22
CM1 DDQ C . 0.67 -31.56 2.98
CM2 DDQ C . 1.49 -29.35 2.91
C1 DDQ C . 2.44 -31.03 1.41
C2 DDQ C . 2.29 -31.91 0.16
C3 DDQ C . 3.66 -32.21 -0.49
C4 DDQ C . 3.69 -32.38 -2.03
C5 DDQ C . 5.00 -31.83 -2.62
C6 DDQ C . 5.18 -31.99 -4.14
C7 DDQ C . 4.18 -31.15 -4.95
C8 DDQ C . 4.66 -30.71 -6.34
C9 DDQ C . 3.61 -29.82 -7.05
C10 DDQ C . 4.10 -29.11 -8.30
N1 DDQ D . 5.42 -28.27 5.25
O1 DDQ D . 4.32 -27.78 4.90
CM1 DDQ D . 5.20 -29.68 5.64
CM2 DDQ D . 6.00 -27.54 6.41
C1 DDQ D . 6.38 -28.20 4.12
C2 DDQ D . 5.71 -28.46 2.78
C3 DDQ D . 6.77 -28.65 1.70
C4 DDQ D . 6.24 -29.48 0.53
C5 DDQ D . 7.14 -29.37 -0.70
C6 DDQ D . 8.42 -30.22 -0.64
C7 DDQ D . 9.61 -29.45 -0.06
C8 DDQ D . 10.80 -30.33 0.31
C9 DDQ D . 12.05 -29.93 -0.47
C10 DDQ D . 11.87 -30.27 -1.95
N1 DDQ E . 13.66 -23.63 0.20
O1 DDQ E . 12.78 -22.75 0.32
CM1 DDQ E . 13.29 -24.72 1.11
CM2 DDQ E . 14.98 -23.10 0.61
C1 DDQ E . 13.67 -24.00 -1.24
C2 DDQ E . 14.69 -25.07 -1.63
C3 DDQ E . 14.25 -25.82 -2.88
C4 DDQ E . 13.68 -27.20 -2.59
C5 DDQ E . 14.10 -28.21 -3.65
C6 DDQ E . 13.01 -28.49 -4.69
C7 DDQ E . 13.14 -29.88 -5.32
C8 DDQ E . 12.22 -30.06 -6.54
C9 DDQ E . 11.26 -31.24 -6.40
C10 DDQ E . 10.80 -31.71 -7.78
N1 DDQ F . -0.74 -25.01 -12.59
O1 DDQ F . -0.09 -25.59 -13.48
CM1 DDQ F . -1.97 -25.73 -12.22
CM2 DDQ F . -1.12 -23.74 -13.20
C1 DDQ F . 0.09 -24.89 -11.35
C2 DDQ F . 1.62 -24.77 -11.54
C3 DDQ F . 2.36 -24.74 -10.19
C4 DDQ F . 3.77 -24.13 -10.20
C5 DDQ F . 4.43 -24.19 -8.80
C6 DDQ F . 5.98 -24.05 -8.67
C7 DDQ F . 6.83 -24.54 -9.87
C8 DDQ F . 8.27 -23.97 -9.93
C9 DDQ F . 8.74 -23.31 -11.26
C10 DDQ F . 7.66 -22.92 -12.26
N1 DDQ G . -8.73 -28.44 2.05
O1 DDQ G . -9.39 -27.48 1.54
CM1 DDQ G . -7.49 -28.56 1.33
CM2 DDQ G . -9.53 -29.68 1.77
C1 DDQ G . -8.45 -28.14 3.47
C2 DDQ G . -7.43 -29.07 4.17
C3 DDQ G . -7.81 -30.55 4.14
C4 DDQ G . -7.38 -31.30 5.42
C5 DDQ G . -5.90 -31.16 5.78
C6 DDQ G . -5.09 -32.42 5.51
C7 DDQ G . -4.85 -33.24 6.78
C8 DDQ G . -5.09 -34.74 6.58
C9 DDQ G . -4.11 -35.58 7.42
C10 DDQ G . -2.81 -35.79 6.69
N1 DDQ H . -7.67 -21.60 -12.64
O1 DDQ H . -8.13 -21.34 -11.54
CM1 DDQ H . -7.59 -22.98 -13.11
CM2 DDQ H . -7.81 -20.58 -13.67
C1 DDQ H . -6.21 -21.34 -12.31
C2 DDQ H . -5.66 -21.78 -10.95
C3 DDQ H . -4.20 -21.36 -10.79
C4 DDQ H . -3.40 -22.03 -9.65
C5 DDQ H . -1.94 -21.58 -9.66
C6 DDQ H . -1.18 -22.21 -8.53
C7 DDQ H . 0.29 -21.82 -8.32
C8 DDQ H . 0.69 -20.36 -8.55
C9 DDQ H . 1.94 -20.04 -7.77
C10 DDQ H . 2.46 -18.66 -8.13
OAJ W7A I . 6.22 -16.19 -1.17
OAJ W7A I . 4.76 -11.88 -3.44
CAI W7A I . 6.64 -15.19 -0.70
CAI W7A I . 5.57 -12.17 -2.56
OAK W7A I . 7.36 -15.17 0.29
OAK W7A I . 6.34 -11.34 -2.12
C4 W7A I . 6.36 -13.95 -1.29
C4 W7A I . 5.73 -13.49 -2.06
N3 W7A I . 7.07 -13.00 -0.77
N3 W7A I . 6.67 -13.68 -1.03
C2 W7A I . 7.04 -11.69 -1.12
C2 W7A I . 6.87 -14.96 -0.46
O2 W7A I . 7.72 -10.89 -0.50
O2 W7A I . 7.65 -15.09 0.41
N1 W7A I . 6.22 -11.35 -2.12
N1 W7A I . 6.24 -16.02 -0.90
C6 W7A I . 5.40 -12.25 -2.68
C6 W7A I . 5.34 -15.86 -1.82
O6 W7A I . 4.69 -11.84 -3.51
O6 W7A I . 4.76 -16.89 -2.10
C5 W7A I . 5.44 -13.63 -2.30
C5 W7A I . 5.04 -14.59 -2.46
CAL W7A I . 4.57 -14.59 -2.98
CAL W7A I . 4.15 -14.54 -3.37
CAM W7A I . 2.99 -14.57 -2.74
CAM W7A I . 2.77 -14.66 -2.81
CAN W7A I . 2.03 -15.09 -3.66
CAN W7A I . 1.88 -15.14 -3.71
CAS W7A I . 1.97 -16.43 -4.02
CAS W7A I . 1.86 -16.47 -4.06
CAR W7A I . 1.04 -16.91 -4.89
CAR W7A I . 0.97 -16.94 -4.94
CAO W7A I . 1.04 -14.35 -4.26
CAO W7A I . 0.93 -14.36 -4.31
CAP W7A I . 0.09 -14.80 -5.16
CAP W7A I . 0.03 -14.81 -5.21
CAQ W7A I . 0.08 -16.16 -5.49
CAQ W7A I . 0.04 -16.16 -5.53
CAT W7A I . -0.78 -16.70 -6.40
CAT W7A I . -0.81 -16.69 -6.44
CAU W7A I . -1.29 -17.97 -6.29
CAU W7A I . -1.31 -17.98 -6.32
CAY W7A I . -2.13 -18.47 -7.24
CAY W7A I . -2.15 -18.47 -7.26
CAX W7A I . -2.48 -17.73 -8.34
CAX W7A I . -2.49 -17.73 -8.36
CAW W7A I . -1.95 -16.48 -8.46
CAW W7A I . -1.98 -16.48 -8.48
CAV W7A I . -1.12 -15.97 -7.50
CAV W7A I . -1.14 -15.97 -7.53
N1 FMN J . 6.10 0.04 0.14
C2 FMN J . 6.30 1.03 -0.70
O2 FMN J . 5.80 2.11 -0.53
N3 FMN J . 7.09 0.78 -1.84
C4 FMN J . 7.68 -0.37 -2.15
O4 FMN J . 8.32 -0.54 -3.24
C4A FMN J . 7.49 -1.50 -1.23
N5 FMN J . 8.11 -2.73 -1.39
C5A FMN J . 7.77 -3.79 -0.57
C6 FMN J . 8.26 -5.05 -0.81
C7 FMN J . 7.96 -6.08 0.01
C7M FMN J . 8.49 -7.51 -0.28
C8 FMN J . 7.10 -5.89 1.12
C8M FMN J . 6.71 -7.04 2.00
C9 FMN J . 6.63 -4.61 1.38
C9A FMN J . 6.92 -3.51 0.53
N10 FMN J . 6.44 -2.21 0.79
C10 FMN J . 6.63 -1.17 -0.06
C1' FMN J . 5.61 -2.02 1.98
C2' FMN J . 4.16 -2.39 1.86
O2' FMN J . 3.53 -1.57 0.88
C3' FMN J . 3.33 -2.22 3.15
O3' FMN J . 3.45 -0.77 3.52
C4' FMN J . 3.92 -3.05 4.33
O4' FMN J . 4.47 -4.28 3.85
C5' FMN J . 2.82 -3.31 5.40
O5' FMN J . 1.75 -4.04 4.87
P FMN J . 1.65 -5.63 5.04
O1P FMN J . 0.24 -5.95 4.65
O2P FMN J . 1.96 -5.94 6.50
O3P FMN J . 2.67 -6.23 4.13
C1 GOL K . -6.31 -2.01 18.02
O1 GOL K . -6.90 -1.20 19.14
C2 GOL K . -4.92 -1.41 18.27
O2 GOL K . -4.91 -0.02 17.80
C3 GOL K . -4.57 -1.11 19.73
O3 GOL K . -3.13 -1.17 19.56
C1 GOL L . -12.28 13.06 16.19
O1 GOL L . -13.19 12.59 15.17
C2 GOL L . -10.86 13.40 15.67
O2 GOL L . -10.77 14.80 15.43
C3 GOL L . -9.85 12.88 16.68
O3 GOL L . -9.30 13.82 17.63
C1 GOL M . 12.64 10.60 11.13
O1 GOL M . 12.80 9.33 10.48
C2 GOL M . 13.43 11.73 10.49
O2 GOL M . 12.77 12.95 10.85
C3 GOL M . 14.85 11.75 11.05
O3 GOL M . 15.85 12.02 10.05
C1 GOL N . 13.61 -7.20 -10.44
O1 GOL N . 13.74 -5.80 -10.53
C2 GOL N . 12.52 -7.76 -11.26
O2 GOL N . 11.29 -7.39 -10.59
C3 GOL N . 12.79 -7.42 -12.75
O3 GOL N . 11.67 -7.83 -13.64
C1 GOL O . 5.37 -10.00 -17.76
O1 GOL O . 4.63 -8.77 -17.65
C2 GOL O . 4.73 -11.04 -16.86
O2 GOL O . 3.37 -11.26 -17.24
C3 GOL O . 4.82 -10.57 -15.42
O3 GOL O . 6.08 -10.90 -14.81
C1 GOL P . 20.66 6.42 6.42
O1 GOL P . 21.65 5.52 5.88
C2 GOL P . 19.44 5.63 6.85
O2 GOL P . 19.43 5.65 8.26
C3 GOL P . 18.13 6.24 6.43
O3 GOL P . 17.77 7.58 6.81
C1 GOL Q . 15.40 -3.62 -12.31
O1 GOL Q . 14.26 -4.44 -12.28
C2 GOL Q . 16.15 -3.64 -13.65
O2 GOL Q . 17.44 -2.96 -13.56
C3 GOL Q . 15.35 -2.93 -14.70
O3 GOL Q . 16.09 -2.68 -15.89
C1 GOL R . 12.92 -20.68 13.81
O1 GOL R . 13.43 -19.95 14.92
C2 GOL R . 12.87 -22.18 14.00
O2 GOL R . 12.10 -22.57 15.21
C3 GOL R . 14.30 -22.82 14.03
O3 GOL R . 15.35 -22.47 13.03
C1 GOL S . 10.86 -21.12 6.07
O1 GOL S . 10.23 -20.39 4.99
C2 GOL S . 11.58 -20.13 7.02
O2 GOL S . 12.09 -19.03 6.23
C3 GOL S . 12.66 -20.80 7.91
O3 GOL S . 13.92 -20.10 7.86
C1 GOL T . -7.41 16.32 -6.29
C1 GOL T . -7.43 15.87 -6.08
O1 GOL T . -7.58 14.98 -5.78
O1 GOL T . -7.22 16.82 -5.02
C2 GOL T . -6.32 16.37 -7.36
C2 GOL T . -6.48 16.16 -7.25
O2 GOL T . -6.86 16.28 -8.69
O2 GOL T . -7.17 16.24 -8.51
C3 GOL T . -5.54 17.68 -7.28
C3 GOL T . -5.76 17.48 -7.02
O3 GOL T . -6.17 18.74 -7.99
O3 GOL T . -6.08 18.44 -8.02
C1 GOL U . -7.20 11.92 -12.10
O1 GOL U . -7.91 10.61 -12.06
C2 GOL U . -8.35 12.85 -11.65
O2 GOL U . -9.67 12.22 -11.57
C3 GOL U . -8.45 14.03 -12.59
O3 GOL U . -8.55 15.20 -11.77
C1 GOL V . -14.12 6.75 -9.65
O1 GOL V . -13.07 6.11 -8.98
C2 GOL V . -14.56 8.21 -9.61
O2 GOL V . -14.25 8.83 -10.88
C3 GOL V . -16.08 8.19 -9.42
O3 GOL V . -16.69 7.17 -10.29
C1 GOL W . 15.28 -16.05 1.74
O1 GOL W . 15.52 -15.55 0.43
C2 GOL W . 16.20 -17.24 1.77
O2 GOL W . 15.66 -18.33 1.03
C3 GOL W . 16.42 -17.68 3.22
O3 GOL W . 17.82 -17.43 3.33
C1 GOL X . -18.68 -23.01 0.98
O1 GOL X . -18.56 -22.26 2.18
C2 GOL X . -17.41 -22.85 0.21
O2 GOL X . -16.56 -23.86 0.65
C3 GOL X . -17.70 -23.00 -1.25
O3 GOL X . -16.48 -23.26 -1.88
C1 GOL Y . 12.43 10.10 -19.42
O1 GOL Y . 11.12 10.72 -19.29
C2 GOL Y . 12.69 9.33 -18.14
O2 GOL Y . 11.74 9.87 -17.22
C3 GOL Y . 14.03 9.61 -17.49
O3 GOL Y . 13.71 9.96 -16.11
C1 GOL Z . -9.81 -13.59 -4.07
O1 GOL Z . -10.38 -13.91 -2.81
C2 GOL Z . -9.91 -14.78 -5.00
O2 GOL Z . -9.55 -16.11 -4.51
C3 GOL Z . -8.87 -14.16 -5.92
O3 GOL Z . -8.46 -15.00 -6.97
C1 GOL AA . -20.02 8.36 1.04
O1 GOL AA . -19.29 9.57 1.35
C2 GOL AA . -19.02 7.26 0.65
O2 GOL AA . -17.74 7.29 1.46
C3 GOL AA . -19.83 5.95 0.63
O3 GOL AA . -20.55 5.68 -0.61
C1 GOL BA . -5.72 20.97 4.12
O1 GOL BA . -5.00 22.13 4.62
C2 GOL BA . -5.30 19.70 4.89
O2 GOL BA . -6.27 19.44 5.94
C3 GOL BA . -4.80 18.53 3.92
O3 GOL BA . -5.76 18.07 3.02
C1 GOL CA . 7.51 26.83 11.36
O1 GOL CA . 6.55 26.58 12.38
C2 GOL CA . 8.24 25.55 11.10
O2 GOL CA . 8.35 24.92 12.36
C3 GOL CA . 9.64 25.75 10.52
O3 GOL CA . 10.24 24.53 10.01
C1 GOL DA . 12.75 15.79 17.88
O1 GOL DA . 12.64 16.27 16.50
C2 GOL DA . 12.81 14.30 18.04
O2 GOL DA . 12.14 13.74 16.90
C3 GOL DA . 12.29 13.71 19.26
O3 GOL DA . 11.60 14.64 20.06
C1 GOL EA . -18.76 -13.80 6.99
O1 GOL EA . -20.13 -14.21 6.97
C2 GOL EA . -17.89 -14.37 8.10
O2 GOL EA . -17.63 -13.47 9.19
C3 GOL EA . -16.51 -14.71 7.57
O3 GOL EA . -16.29 -16.06 7.19
C1 GOL FA . -6.05 -14.81 10.67
O1 GOL FA . -6.05 -13.90 9.60
C2 GOL FA . -4.67 -15.51 10.56
O2 GOL FA . -3.57 -14.72 10.99
C3 GOL FA . -4.74 -16.91 11.19
O3 GOL FA . -3.45 -17.54 11.19
N1 ORO GA . 10.69 -2.11 0.95
C2 ORO GA . 9.83 -1.66 1.90
O2 ORO GA . 9.57 -2.41 2.85
N3 ORO GA . 9.27 -0.49 1.71
C4 ORO GA . 9.49 0.37 0.64
O4 ORO GA . 8.99 1.50 0.62
C5 ORO GA . 10.46 -0.14 -0.29
C6 ORO GA . 10.99 -1.35 -0.15
C7 ORO GA . 12.17 -1.82 -0.95
O71 ORO GA . 13.17 -2.28 -0.33
O72 ORO GA . 12.15 -1.62 -2.19
S SO4 HA . -6.76 15.69 -21.98
O1 SO4 HA . -6.48 14.22 -21.99
O2 SO4 HA . -5.96 16.41 -20.95
O3 SO4 HA . -8.13 15.95 -21.67
O4 SO4 HA . -6.60 16.30 -23.39
S SO4 IA . 6.48 -5.21 -21.19
O1 SO4 IA . 7.42 -6.13 -20.50
O2 SO4 IA . 6.23 -5.65 -22.61
O3 SO4 IA . 5.12 -5.07 -20.60
O4 SO4 IA . 7.15 -3.87 -21.25
S SO4 JA . -13.67 12.73 -2.59
O1 SO4 JA . -12.56 12.17 -1.89
O2 SO4 JA . -14.67 11.80 -2.83
O3 SO4 JA . -14.13 13.83 -1.81
O4 SO4 JA . -13.18 13.24 -3.85
S SO4 KA . -8.36 23.73 -14.41
O1 SO4 KA . -8.94 22.93 -13.29
O2 SO4 KA . -6.89 23.54 -14.56
O3 SO4 KA . -8.54 25.13 -13.96
O4 SO4 KA . -8.98 23.33 -15.72
C ACT LA . 15.45 5.90 -19.39
O ACT LA . 16.26 4.98 -19.15
OXT ACT LA . 15.03 6.64 -18.50
CH3 ACT LA . 14.93 6.15 -20.78
C ACT MA . -7.27 7.13 -14.27
O ACT MA . -7.80 6.12 -14.74
OXT ACT MA . -6.00 7.13 -14.05
CH3 ACT MA . -8.15 8.33 -13.94
C ACT NA . 2.35 -6.48 -18.42
O ACT NA . 2.07 -7.58 -17.87
OXT ACT NA . 3.55 -6.12 -18.68
CH3 ACT NA . 1.19 -5.62 -18.84
C ACT OA . -6.15 -10.30 -16.55
O ACT OA . -4.91 -10.34 -16.32
OXT ACT OA . -7.04 -10.68 -15.71
CH3 ACT OA . -6.52 -9.76 -17.91
C ACT PA . -8.59 9.52 -19.37
O ACT PA . -7.35 9.34 -19.50
OXT ACT PA . -9.15 9.60 -18.25
CH3 ACT PA . -9.47 9.66 -20.60
C ACT QA . -15.91 11.37 -5.49
O ACT QA . -15.27 10.59 -4.76
OXT ACT QA . -15.93 12.61 -5.30
CH3 ACT QA . -16.70 10.80 -6.64
C ACT RA . 15.60 21.82 3.39
O ACT RA . 15.98 21.10 4.38
OXT ACT RA . 15.74 21.29 2.25
CH3 ACT RA . 14.99 23.22 3.54
#